data_6HT4
#
_entry.id   6HT4
#
_entity_poly.entity_id   1
_entity_poly.type   'polypeptide(L)'
_entity_poly.pdbx_seq_one_letter_code
;GFPRALPAWARPDYNPPLVE
;
_entity_poly.pdbx_strand_id   A
#
# COMPACT_ATOMS: atom_id res chain seq x y z
N GLY A 1 8.45 -6.64 9.15
CA GLY A 1 7.32 -7.22 8.38
C GLY A 1 6.67 -8.39 9.09
N PHE A 2 5.35 -8.30 9.30
CA PHE A 2 4.60 -9.35 9.99
C PHE A 2 3.86 -10.24 8.97
N PRO A 3 3.48 -11.52 9.34
CA PRO A 3 2.77 -12.43 8.42
C PRO A 3 1.31 -12.04 8.20
N ARG A 4 0.69 -11.46 9.23
CA ARG A 4 -0.71 -11.03 9.17
C ARG A 4 -0.82 -9.55 8.80
N ALA A 5 -1.85 -9.22 8.00
CA ALA A 5 -2.13 -7.83 7.53
C ALA A 5 -0.99 -7.28 6.66
N LEU A 6 -1.35 -6.88 5.44
CA LEU A 6 -0.38 -6.32 4.49
C LEU A 6 -0.90 -5.01 3.88
N PRO A 7 -0.33 -3.83 4.25
CA PRO A 7 -0.76 -2.52 3.71
C PRO A 7 -0.39 -2.34 2.23
N ALA A 8 -1.04 -1.35 1.59
CA ALA A 8 -0.89 -1.07 0.15
C ALA A 8 0.22 -0.08 -0.05
N TRP A 9 0.31 0.71 1.01
CA TRP A 9 1.27 1.79 1.18
C TRP A 9 2.61 1.20 1.58
N ALA A 10 2.53 -0.08 1.88
CA ALA A 10 3.61 -0.91 2.33
C ALA A 10 4.41 -1.51 1.17
N ARG A 11 4.39 -0.80 0.03
CA ARG A 11 5.09 -1.23 -1.19
C ARG A 11 5.95 -0.07 -1.73
N PRO A 12 7.31 -0.15 -1.59
CA PRO A 12 8.25 0.89 -2.08
C PRO A 12 8.07 1.27 -3.55
N ASP A 13 7.57 0.32 -4.30
CA ASP A 13 7.30 0.48 -5.74
C ASP A 13 5.95 1.18 -5.99
N TYR A 14 5.23 1.46 -4.91
CA TYR A 14 3.92 2.12 -4.97
C TYR A 14 3.99 3.46 -4.24
N ASN A 15 3.62 4.53 -4.96
CA ASN A 15 3.62 5.89 -4.40
C ASN A 15 2.21 6.30 -3.95
N PRO A 16 2.07 7.18 -2.91
CA PRO A 16 0.75 7.64 -2.41
C PRO A 16 0.09 8.65 -3.36
N PRO A 17 -1.28 8.72 -3.39
CA PRO A 17 -2.01 9.66 -4.26
C PRO A 17 -1.89 11.11 -3.80
N LEU A 18 -1.34 11.96 -4.67
CA LEU A 18 -1.15 13.38 -4.38
C LEU A 18 -1.76 14.25 -5.49
N VAL A 19 -2.25 15.43 -5.10
CA VAL A 19 -2.87 16.37 -6.04
C VAL A 19 -2.18 17.73 -5.98
N GLU A 20 -1.63 18.16 -7.12
CA GLU A 20 -0.93 19.45 -7.22
C GLU A 20 -1.57 20.32 -8.30
N GLY A 1 -9.07 -4.83 11.94
CA GLY A 1 -9.72 -6.16 11.96
C GLY A 1 -8.84 -7.23 12.57
N PHE A 2 -7.93 -7.78 11.77
CA PHE A 2 -7.01 -8.83 12.22
C PHE A 2 -5.63 -8.24 12.55
N PRO A 3 -4.78 -8.93 13.39
CA PRO A 3 -3.43 -8.43 13.76
C PRO A 3 -2.43 -8.50 12.61
N ARG A 4 -2.55 -9.54 11.76
CA ARG A 4 -1.66 -9.72 10.62
C ARG A 4 -2.31 -9.22 9.33
N ALA A 5 -1.81 -8.08 8.83
CA ALA A 5 -2.32 -7.46 7.61
C ALA A 5 -1.20 -6.88 6.77
N LEU A 6 -1.40 -6.86 5.45
CA LEU A 6 -0.41 -6.33 4.50
C LEU A 6 -0.92 -5.01 3.88
N PRO A 7 -0.34 -3.82 4.26
CA PRO A 7 -0.77 -2.52 3.70
C PRO A 7 -0.39 -2.34 2.23
N ALA A 8 -1.04 -1.35 1.59
CA ALA A 8 -0.87 -1.08 0.14
C ALA A 8 0.23 -0.07 -0.05
N TRP A 9 0.31 0.71 1.01
CA TRP A 9 1.26 1.79 1.17
C TRP A 9 2.62 1.21 1.58
N ALA A 10 2.53 -0.07 1.89
CA ALA A 10 3.61 -0.91 2.34
C ALA A 10 4.42 -1.49 1.18
N ARG A 11 4.46 -0.75 0.06
CA ARG A 11 5.18 -1.15 -1.13
C ARG A 11 6.09 -0.01 -1.62
N PRO A 12 7.45 -0.12 -1.42
CA PRO A 12 8.43 0.91 -1.84
C PRO A 12 8.33 1.32 -3.31
N ASP A 13 7.85 0.39 -4.10
CA ASP A 13 7.67 0.56 -5.55
C ASP A 13 6.35 1.27 -5.89
N TYR A 14 5.54 1.51 -4.85
CA TYR A 14 4.24 2.18 -5.00
C TYR A 14 4.36 3.67 -4.65
N ASN A 15 4.14 4.51 -5.65
CA ASN A 15 4.22 5.97 -5.48
C ASN A 15 2.81 6.61 -5.53
N PRO A 16 2.30 7.20 -4.39
CA PRO A 16 0.97 7.84 -4.35
C PRO A 16 0.86 9.05 -5.30
N PRO A 17 -0.29 9.20 -6.04
CA PRO A 17 -0.50 10.32 -6.97
C PRO A 17 -0.74 11.65 -6.25
N LEU A 18 0.10 12.64 -6.60
CA LEU A 18 0.01 13.98 -6.01
C LEU A 18 -0.76 14.93 -6.94
N VAL A 19 -1.48 15.87 -6.34
CA VAL A 19 -2.27 16.85 -7.09
C VAL A 19 -2.02 18.27 -6.59
N GLU A 20 -1.72 19.17 -7.52
CA GLU A 20 -1.46 20.58 -7.21
C GLU A 20 -2.29 21.51 -8.08
N GLY A 1 -10.38 -9.79 14.78
CA GLY A 1 -10.20 -9.51 13.32
C GLY A 1 -9.47 -10.62 12.61
N PHE A 2 -8.78 -10.25 11.51
CA PHE A 2 -8.03 -11.21 10.71
C PHE A 2 -6.52 -11.13 11.04
N PRO A 3 -5.87 -12.26 11.47
CA PRO A 3 -4.43 -12.27 11.79
C PRO A 3 -3.54 -11.97 10.59
N ARG A 4 -2.46 -11.19 10.84
CA ARG A 4 -1.48 -10.78 9.80
C ARG A 4 -2.12 -9.92 8.71
N ALA A 5 -1.60 -8.69 8.56
CA ALA A 5 -2.11 -7.75 7.57
C ALA A 5 -0.99 -7.19 6.70
N LEU A 6 -1.33 -6.86 5.45
CA LEU A 6 -0.36 -6.32 4.49
C LEU A 6 -0.89 -5.01 3.87
N PRO A 7 -0.32 -3.82 4.26
CA PRO A 7 -0.76 -2.52 3.71
C PRO A 7 -0.39 -2.34 2.23
N ALA A 8 -1.04 -1.35 1.59
CA ALA A 8 -0.88 -1.08 0.15
C ALA A 8 0.22 -0.08 -0.05
N TRP A 9 0.31 0.71 1.01
CA TRP A 9 1.26 1.79 1.17
C TRP A 9 2.61 1.20 1.58
N ALA A 10 2.53 -0.08 1.88
CA ALA A 10 3.61 -0.91 2.33
C ALA A 10 4.43 -1.49 1.17
N ARG A 11 4.56 -0.70 0.09
CA ARG A 11 5.28 -1.09 -1.10
C ARG A 11 6.31 0.01 -1.47
N PRO A 12 7.64 -0.23 -1.25
CA PRO A 12 8.72 0.75 -1.57
C PRO A 12 8.69 1.27 -3.02
N ASP A 13 8.15 0.45 -3.88
CA ASP A 13 8.02 0.75 -5.31
C ASP A 13 6.80 1.64 -5.60
N TYR A 14 6.00 1.89 -4.56
CA TYR A 14 4.80 2.72 -4.67
C TYR A 14 4.97 4.02 -3.87
N ASN A 15 4.81 5.15 -4.55
CA ASN A 15 4.93 6.46 -3.93
C ASN A 15 3.54 7.02 -3.56
N PRO A 16 3.24 7.23 -2.23
CA PRO A 16 1.93 7.77 -1.78
C PRO A 16 1.67 9.20 -2.28
N PRO A 17 0.39 9.66 -2.35
CA PRO A 17 0.05 11.02 -2.80
C PRO A 17 0.29 12.08 -1.73
N LEU A 18 1.31 12.91 -1.96
CA LEU A 18 1.66 13.99 -1.03
C LEU A 18 1.09 15.32 -1.50
N VAL A 19 0.59 16.12 -0.54
CA VAL A 19 0.00 17.43 -0.84
C VAL A 19 0.45 18.49 0.17
N GLU A 20 0.91 19.63 -0.35
CA GLU A 20 1.38 20.73 0.49
C GLU A 20 0.34 21.85 0.54
N GLY A 1 -5.70 -11.97 15.68
CA GLY A 1 -6.61 -13.05 15.23
C GLY A 1 -5.87 -14.21 14.59
N PHE A 2 -6.34 -14.63 13.42
CA PHE A 2 -5.73 -15.74 12.68
C PHE A 2 -5.22 -15.31 11.29
N PRO A 3 -5.99 -14.51 10.47
CA PRO A 3 -5.55 -14.07 9.13
C PRO A 3 -4.54 -12.93 9.19
N ARG A 4 -3.65 -12.89 8.20
CA ARG A 4 -2.61 -11.86 8.11
C ARG A 4 -3.00 -10.79 7.10
N ALA A 5 -2.67 -9.53 7.42
CA ALA A 5 -2.99 -8.39 6.54
C ALA A 5 -1.74 -7.58 6.24
N LEU A 6 -1.63 -7.12 4.99
CA LEU A 6 -0.50 -6.32 4.53
C LEU A 6 -0.98 -4.99 3.92
N PRO A 7 -0.36 -3.82 4.27
CA PRO A 7 -0.77 -2.51 3.72
C PRO A 7 -0.41 -2.34 2.23
N ALA A 8 -1.04 -1.35 1.60
CA ALA A 8 -0.88 -1.07 0.16
C ALA A 8 0.22 -0.08 -0.04
N TRP A 9 0.32 0.71 1.01
CA TRP A 9 1.27 1.79 1.16
C TRP A 9 2.62 1.21 1.57
N ALA A 10 2.54 -0.07 1.88
CA ALA A 10 3.62 -0.90 2.33
C ALA A 10 4.44 -1.48 1.15
N ARG A 11 4.28 -0.85 -0.03
CA ARG A 11 4.97 -1.28 -1.24
C ARG A 11 5.65 -0.05 -1.90
N PRO A 12 7.02 0.02 -1.85
CA PRO A 12 7.80 1.14 -2.45
C PRO A 12 7.46 1.45 -3.91
N ASP A 13 6.97 0.44 -4.59
CA ASP A 13 6.57 0.53 -6.00
C ASP A 13 5.11 1.02 -6.14
N TYR A 14 4.53 1.48 -5.02
CA TYR A 14 3.17 1.96 -4.96
C TYR A 14 3.13 3.33 -4.25
N ASN A 15 2.29 4.23 -4.77
CA ASN A 15 2.15 5.58 -4.22
C ASN A 15 1.08 5.62 -3.11
N PRO A 16 1.21 6.54 -2.10
CA PRO A 16 0.23 6.64 -0.98
C PRO A 16 -1.12 7.24 -1.43
N PRO A 17 -2.28 6.64 -1.02
CA PRO A 17 -3.61 7.15 -1.38
C PRO A 17 -4.03 8.38 -0.57
N LEU A 18 -4.30 9.47 -1.28
CA LEU A 18 -4.72 10.73 -0.65
C LEU A 18 -6.08 11.18 -1.19
N VAL A 19 -6.89 11.77 -0.31
CA VAL A 19 -8.22 12.25 -0.68
C VAL A 19 -8.51 13.62 -0.06
N GLU A 20 -8.75 14.61 -0.92
CA GLU A 20 -9.04 15.98 -0.48
C GLU A 20 -10.50 16.34 -0.77
N GLY A 1 -12.82 -13.48 1.48
CA GLY A 1 -11.68 -12.52 1.34
C GLY A 1 -12.10 -11.09 1.54
N PHE A 2 -12.08 -10.63 2.80
CA PHE A 2 -12.47 -9.27 3.15
C PHE A 2 -11.38 -8.55 3.98
N PRO A 3 -10.77 -9.20 5.03
CA PRO A 3 -9.73 -8.55 5.86
C PRO A 3 -8.37 -8.49 5.16
N ARG A 4 -7.53 -7.54 5.59
CA ARG A 4 -6.20 -7.35 5.03
C ARG A 4 -5.14 -7.33 6.13
N ALA A 5 -3.98 -7.92 5.83
CA ALA A 5 -2.87 -7.98 6.78
C ALA A 5 -1.69 -7.10 6.34
N LEU A 6 -1.40 -7.12 5.03
CA LEU A 6 -0.30 -6.33 4.47
C LEU A 6 -0.84 -5.01 3.86
N PRO A 7 -0.29 -3.82 4.26
CA PRO A 7 -0.74 -2.52 3.71
C PRO A 7 -0.38 -2.34 2.22
N ALA A 8 -1.03 -1.34 1.59
CA ALA A 8 -0.88 -1.07 0.16
C ALA A 8 0.22 -0.07 -0.04
N TRP A 9 0.32 0.71 1.00
CA TRP A 9 1.27 1.79 1.16
C TRP A 9 2.61 1.20 1.58
N ALA A 10 2.53 -0.07 1.89
CA ALA A 10 3.61 -0.91 2.34
C ALA A 10 4.45 -1.49 1.18
N ARG A 11 4.26 -0.90 -0.01
CA ARG A 11 4.98 -1.33 -1.21
C ARG A 11 5.62 -0.10 -1.91
N PRO A 12 6.97 0.11 -1.77
CA PRO A 12 7.70 1.24 -2.40
C PRO A 12 7.46 1.36 -3.90
N ASP A 13 7.21 0.23 -4.51
CA ASP A 13 6.95 0.13 -5.96
C ASP A 13 5.46 0.33 -6.28
N TYR A 14 4.59 -0.11 -5.35
CA TYR A 14 3.12 0.00 -5.48
C TYR A 14 2.59 -0.80 -6.67
N ASN A 15 1.67 -1.74 -6.39
CA ASN A 15 1.07 -2.58 -7.41
C ASN A 15 -0.36 -2.13 -7.73
N PRO A 16 -0.91 -2.42 -8.96
CA PRO A 16 -2.28 -2.02 -9.34
C PRO A 16 -3.37 -2.69 -8.48
N PRO A 17 -4.47 -1.95 -8.13
CA PRO A 17 -5.56 -2.49 -7.31
C PRO A 17 -6.42 -3.52 -8.06
N LEU A 18 -6.48 -4.74 -7.50
CA LEU A 18 -7.25 -5.83 -8.08
C LEU A 18 -8.17 -6.45 -7.03
N VAL A 19 -9.45 -6.63 -7.40
CA VAL A 19 -10.44 -7.21 -6.50
C VAL A 19 -11.33 -8.22 -7.23
N GLU A 20 -11.50 -9.40 -6.61
CA GLU A 20 -12.31 -10.47 -7.19
C GLU A 20 -13.52 -10.78 -6.29
N GLY A 1 -10.87 -9.50 -3.53
CA GLY A 1 -10.86 -9.93 -2.10
C GLY A 1 -11.21 -8.79 -1.16
N PHE A 2 -11.83 -9.14 -0.02
CA PHE A 2 -12.24 -8.15 0.98
C PHE A 2 -11.20 -8.03 2.12
N PRO A 3 -10.64 -9.16 2.70
CA PRO A 3 -9.65 -9.08 3.79
C PRO A 3 -8.26 -8.69 3.29
N ARG A 4 -7.49 -8.04 4.18
CA ARG A 4 -6.13 -7.60 3.87
C ARG A 4 -5.14 -8.08 4.92
N ALA A 5 -3.98 -8.56 4.45
CA ALA A 5 -2.93 -9.06 5.34
C ALA A 5 -1.84 -8.02 5.54
N LEU A 6 -1.44 -7.36 4.45
CA LEU A 6 -0.40 -6.32 4.49
C LEU A 6 -0.91 -5.00 3.87
N PRO A 7 -0.34 -3.82 4.26
CA PRO A 7 -0.77 -2.52 3.71
C PRO A 7 -0.39 -2.34 2.23
N ALA A 8 -1.04 -1.35 1.59
CA ALA A 8 -0.88 -1.08 0.15
C ALA A 8 0.22 -0.08 -0.05
N TRP A 9 0.32 0.71 1.01
CA TRP A 9 1.27 1.79 1.18
C TRP A 9 2.61 1.20 1.58
N ALA A 10 2.53 -0.07 1.89
CA ALA A 10 3.62 -0.92 2.35
C ALA A 10 4.43 -1.50 1.18
N ARG A 11 4.35 -0.84 0.02
CA ARG A 11 5.05 -1.26 -1.19
C ARG A 11 5.83 -0.07 -1.79
N PRO A 12 7.20 -0.06 -1.67
CA PRO A 12 8.07 1.01 -2.22
C PRO A 12 7.83 1.33 -3.69
N ASP A 13 7.36 0.33 -4.41
CA ASP A 13 7.07 0.43 -5.84
C ASP A 13 5.66 1.03 -6.09
N TYR A 14 4.90 1.21 -5.01
CA TYR A 14 3.56 1.77 -5.08
C TYR A 14 3.56 3.21 -4.56
N ASN A 15 3.17 4.14 -5.42
CA ASN A 15 3.10 5.56 -5.07
C ASN A 15 1.64 6.02 -4.98
N PRO A 16 1.28 6.92 -4.00
CA PRO A 16 -0.11 7.42 -3.84
C PRO A 16 -0.50 8.44 -4.93
N PRO A 17 -1.84 8.68 -5.17
CA PRO A 17 -2.29 9.66 -6.18
C PRO A 17 -1.98 11.11 -5.80
N LEU A 18 -1.06 11.70 -6.53
CA LEU A 18 -0.63 13.09 -6.30
C LEU A 18 -1.32 14.03 -7.28
N VAL A 19 -1.68 15.22 -6.79
CA VAL A 19 -2.36 16.23 -7.61
C VAL A 19 -1.47 17.48 -7.78
N GLU A 20 -1.12 17.78 -9.04
CA GLU A 20 -0.28 18.95 -9.41
C GLU A 20 1.13 18.85 -8.79
N GLY A 1 -5.06 -5.93 11.61
CA GLY A 1 -4.37 -7.00 10.84
C GLY A 1 -2.97 -6.59 10.40
N PHE A 2 -1.96 -7.31 10.89
CA PHE A 2 -0.58 -7.04 10.55
C PHE A 2 0.16 -8.29 10.03
N PRO A 3 0.02 -9.50 10.67
CA PRO A 3 0.70 -10.73 10.20
C PRO A 3 0.04 -11.36 8.98
N ARG A 4 -1.29 -11.26 8.90
CA ARG A 4 -2.06 -11.82 7.78
C ARG A 4 -2.37 -10.74 6.73
N ALA A 5 -2.71 -9.53 7.19
CA ALA A 5 -3.02 -8.41 6.30
C ALA A 5 -1.81 -7.51 6.10
N LEU A 6 -1.52 -7.20 4.84
CA LEU A 6 -0.39 -6.34 4.48
C LEU A 6 -0.89 -5.01 3.87
N PRO A 7 -0.33 -3.83 4.25
CA PRO A 7 -0.76 -2.52 3.71
C PRO A 7 -0.39 -2.34 2.23
N ALA A 8 -1.04 -1.35 1.59
CA ALA A 8 -0.89 -1.07 0.15
C ALA A 8 0.22 -0.08 -0.05
N TRP A 9 0.31 0.71 1.01
CA TRP A 9 1.28 1.79 1.17
C TRP A 9 2.61 1.20 1.58
N ALA A 10 2.53 -0.08 1.88
CA ALA A 10 3.61 -0.91 2.33
C ALA A 10 4.42 -1.50 1.16
N ARG A 11 4.60 -0.68 0.12
CA ARG A 11 5.33 -1.07 -1.07
C ARG A 11 6.40 -0.01 -1.42
N PRO A 12 7.72 -0.30 -1.18
CA PRO A 12 8.83 0.63 -1.48
C PRO A 12 8.83 1.20 -2.89
N ASP A 13 8.25 0.44 -3.80
CA ASP A 13 8.13 0.81 -5.22
C ASP A 13 6.97 1.78 -5.46
N TYR A 14 6.07 1.88 -4.48
CA TYR A 14 4.92 2.78 -4.56
C TYR A 14 5.01 3.85 -3.46
N ASN A 15 4.98 5.12 -3.89
CA ASN A 15 5.07 6.25 -2.96
C ASN A 15 3.67 6.83 -2.69
N PRO A 16 3.42 7.43 -1.48
CA PRO A 16 2.11 8.02 -1.13
C PRO A 16 1.87 9.36 -1.84
N PRO A 17 0.57 9.76 -2.05
CA PRO A 17 0.24 11.03 -2.73
C PRO A 17 0.50 12.27 -1.85
N LEU A 18 1.35 13.16 -2.35
CA LEU A 18 1.71 14.39 -1.64
C LEU A 18 0.96 15.59 -2.23
N VAL A 19 0.66 16.57 -1.38
CA VAL A 19 -0.04 17.79 -1.79
C VAL A 19 0.84 19.03 -1.59
N GLU A 20 1.11 19.74 -2.70
CA GLU A 20 1.93 20.94 -2.67
C GLU A 20 1.18 22.13 -3.27
N GLY A 1 -1.81 -15.21 17.80
CA GLY A 1 -2.20 -14.14 18.76
C GLY A 1 -3.03 -13.05 18.10
N PHE A 2 -2.33 -12.09 17.48
CA PHE A 2 -2.98 -10.97 16.79
C PHE A 2 -3.05 -11.21 15.28
N PRO A 3 -3.99 -10.54 14.53
CA PRO A 3 -4.13 -10.73 13.08
C PRO A 3 -3.01 -10.03 12.29
N ARG A 4 -2.71 -10.57 11.10
CA ARG A 4 -1.67 -10.02 10.23
C ARG A 4 -2.27 -9.46 8.95
N ALA A 5 -1.96 -8.19 8.67
CA ALA A 5 -2.46 -7.51 7.47
C ALA A 5 -1.33 -6.84 6.69
N LEU A 6 -1.40 -6.92 5.36
CA LEU A 6 -0.39 -6.33 4.49
C LEU A 6 -0.91 -5.01 3.87
N PRO A 7 -0.33 -3.83 4.25
CA PRO A 7 -0.76 -2.52 3.71
C PRO A 7 -0.39 -2.34 2.23
N ALA A 8 -1.04 -1.35 1.59
CA ALA A 8 -0.89 -1.07 0.15
C ALA A 8 0.22 -0.08 -0.05
N TRP A 9 0.31 0.71 1.01
CA TRP A 9 1.28 1.79 1.17
C TRP A 9 2.62 1.21 1.57
N ALA A 10 2.53 -0.07 1.89
CA ALA A 10 3.61 -0.91 2.33
C ALA A 10 4.42 -1.50 1.16
N ARG A 11 4.33 -0.85 0.00
CA ARG A 11 5.02 -1.28 -1.21
C ARG A 11 5.79 -0.09 -1.82
N PRO A 12 7.16 -0.06 -1.70
CA PRO A 12 8.02 1.02 -2.25
C PRO A 12 7.75 1.37 -3.72
N ASP A 13 7.22 0.40 -4.42
CA ASP A 13 6.88 0.54 -5.85
C ASP A 13 5.44 1.06 -6.02
N TYR A 14 4.99 1.90 -5.07
CA TYR A 14 3.65 2.47 -5.08
C TYR A 14 3.65 3.82 -5.83
N ASN A 15 2.96 3.84 -6.97
CA ASN A 15 2.86 5.05 -7.80
C ASN A 15 1.39 5.49 -7.93
N PRO A 16 1.11 6.81 -8.18
CA PRO A 16 -0.28 7.31 -8.33
C PRO A 16 -0.95 6.82 -9.63
N PRO A 17 -2.24 6.34 -9.57
CA PRO A 17 -2.96 5.86 -10.78
C PRO A 17 -3.49 7.00 -11.67
N LEU A 18 -2.94 8.21 -11.48
CA LEU A 18 -3.34 9.39 -12.26
C LEU A 18 -2.38 9.64 -13.41
N VAL A 19 -2.94 10.10 -14.55
CA VAL A 19 -2.16 10.41 -15.79
C VAL A 19 -1.53 9.13 -16.37
N GLU A 20 -1.71 8.95 -17.69
CA GLU A 20 -1.18 7.79 -18.40
C GLU A 20 0.14 8.14 -19.11
N GLY A 1 -6.90 -16.85 13.56
CA GLY A 1 -6.51 -16.18 12.29
C GLY A 1 -5.50 -16.97 11.49
N PHE A 2 -5.90 -17.39 10.29
CA PHE A 2 -5.04 -18.17 9.41
C PHE A 2 -4.44 -17.30 8.28
N PRO A 3 -5.25 -16.43 7.56
CA PRO A 3 -4.73 -15.58 6.47
C PRO A 3 -3.97 -14.36 6.99
N ARG A 4 -3.09 -13.82 6.15
CA ARG A 4 -2.29 -12.64 6.49
C ARG A 4 -2.64 -11.46 5.59
N ALA A 5 -2.61 -10.25 6.17
CA ALA A 5 -2.93 -9.03 5.45
C ALA A 5 -1.83 -7.99 5.62
N LEU A 6 -1.45 -7.35 4.50
CA LEU A 6 -0.41 -6.32 4.51
C LEU A 6 -0.92 -5.01 3.89
N PRO A 7 -0.33 -3.83 4.26
CA PRO A 7 -0.76 -2.52 3.72
C PRO A 7 -0.40 -2.34 2.23
N ALA A 8 -1.04 -1.35 1.59
CA ALA A 8 -0.88 -1.07 0.16
C ALA A 8 0.22 -0.08 -0.04
N TRP A 9 0.32 0.71 1.01
CA TRP A 9 1.28 1.79 1.17
C TRP A 9 2.62 1.21 1.57
N ALA A 10 2.53 -0.08 1.87
CA ALA A 10 3.63 -0.91 2.33
C ALA A 10 4.44 -1.50 1.16
N ARG A 11 4.47 -0.76 0.04
CA ARG A 11 5.19 -1.17 -1.15
C ARG A 11 6.10 -0.02 -1.65
N PRO A 12 7.45 -0.13 -1.44
CA PRO A 12 8.44 0.91 -1.88
C PRO A 12 8.34 1.29 -3.36
N ASP A 13 7.86 0.33 -4.14
CA ASP A 13 7.68 0.49 -5.59
C ASP A 13 6.35 1.20 -5.94
N TYR A 14 5.59 1.54 -4.89
CA TYR A 14 4.30 2.21 -5.05
C TYR A 14 4.46 3.72 -4.78
N ASN A 15 4.23 4.51 -5.83
CA ASN A 15 4.33 5.97 -5.74
C ASN A 15 2.93 6.63 -5.62
N PRO A 16 2.57 7.19 -4.42
CA PRO A 16 1.25 7.85 -4.21
C PRO A 16 1.10 9.14 -5.05
N PRO A 17 -0.17 9.53 -5.41
CA PRO A 17 -0.43 10.76 -6.19
C PRO A 17 -0.25 12.04 -5.39
N LEU A 18 0.66 12.91 -5.87
CA LEU A 18 0.94 14.20 -5.24
C LEU A 18 0.96 15.32 -6.27
N VAL A 19 0.49 16.50 -5.85
CA VAL A 19 0.45 17.67 -6.72
C VAL A 19 0.96 18.92 -6.00
N GLU A 20 1.87 19.64 -6.67
CA GLU A 20 2.46 20.87 -6.12
C GLU A 20 1.78 22.11 -6.69
N GLY A 1 -11.43 0.73 3.33
CA GLY A 1 -10.22 0.02 2.85
C GLY A 1 -9.05 0.18 3.79
N PHE A 2 -9.22 -0.27 5.04
CA PHE A 2 -8.18 -0.18 6.06
C PHE A 2 -7.43 -1.52 6.21
N PRO A 3 -6.15 -1.62 5.74
CA PRO A 3 -5.35 -2.86 5.85
C PRO A 3 -5.00 -3.21 7.30
N ARG A 4 -4.72 -4.49 7.55
CA ARG A 4 -4.37 -4.98 8.90
C ARG A 4 -3.15 -5.89 8.87
N ALA A 5 -3.08 -6.78 7.88
CA ALA A 5 -1.97 -7.73 7.74
C ALA A 5 -0.91 -7.23 6.75
N LEU A 6 -1.36 -6.82 5.56
CA LEU A 6 -0.44 -6.32 4.52
C LEU A 6 -0.96 -5.01 3.91
N PRO A 7 -0.34 -3.82 4.26
CA PRO A 7 -0.76 -2.52 3.72
C PRO A 7 -0.40 -2.34 2.23
N ALA A 8 -1.04 -1.35 1.59
CA ALA A 8 -0.88 -1.07 0.16
C ALA A 8 0.22 -0.08 -0.04
N TRP A 9 0.32 0.71 1.01
CA TRP A 9 1.27 1.79 1.16
C TRP A 9 2.62 1.21 1.57
N ALA A 10 2.54 -0.07 1.88
CA ALA A 10 3.63 -0.90 2.33
C ALA A 10 4.45 -1.49 1.16
N ARG A 11 4.49 -0.72 0.05
CA ARG A 11 5.22 -1.12 -1.15
C ARG A 11 6.14 0.02 -1.61
N PRO A 12 7.49 -0.11 -1.41
CA PRO A 12 8.48 0.92 -1.83
C PRO A 12 8.38 1.35 -3.29
N ASP A 13 7.88 0.43 -4.10
CA ASP A 13 7.70 0.65 -5.54
C ASP A 13 6.36 1.35 -5.84
N TYR A 14 5.53 1.51 -4.81
CA TYR A 14 4.23 2.16 -4.92
C TYR A 14 4.30 3.58 -4.37
N ASN A 15 4.05 4.56 -5.25
CA ASN A 15 4.06 5.97 -4.88
C ASN A 15 2.74 6.66 -5.29
N PRO A 16 1.84 7.01 -4.32
CA PRO A 16 0.56 7.67 -4.62
C PRO A 16 0.74 9.13 -5.11
N PRO A 17 -0.28 9.73 -5.81
CA PRO A 17 -0.19 11.12 -6.30
C PRO A 17 -0.25 12.15 -5.17
N LEU A 18 0.88 12.80 -4.93
CA LEU A 18 1.01 13.82 -3.89
C LEU A 18 1.42 15.16 -4.49
N VAL A 19 0.76 16.24 -4.04
CA VAL A 19 1.05 17.59 -4.52
C VAL A 19 1.63 18.46 -3.41
N GLU A 20 2.86 18.93 -3.62
CA GLU A 20 3.56 19.78 -2.66
C GLU A 20 4.07 21.05 -3.32
N GLY A 1 -8.05 -17.08 1.56
CA GLY A 1 -8.20 -17.28 3.02
C GLY A 1 -6.94 -16.93 3.79
N PHE A 2 -6.67 -15.63 3.93
CA PHE A 2 -5.49 -15.15 4.64
C PHE A 2 -5.90 -14.41 5.93
N PRO A 3 -5.52 -14.93 7.15
CA PRO A 3 -5.86 -14.28 8.44
C PRO A 3 -5.22 -12.90 8.60
N ARG A 4 -4.00 -12.74 8.08
CA ARG A 4 -3.27 -11.47 8.16
C ARG A 4 -3.23 -10.78 6.81
N ALA A 5 -3.29 -9.44 6.84
CA ALA A 5 -3.26 -8.63 5.63
C ALA A 5 -2.18 -7.56 5.71
N LEU A 6 -1.50 -7.33 4.59
CA LEU A 6 -0.42 -6.33 4.51
C LEU A 6 -0.94 -5.01 3.90
N PRO A 7 -0.34 -3.82 4.26
CA PRO A 7 -0.77 -2.52 3.71
C PRO A 7 -0.40 -2.34 2.23
N ALA A 8 -1.04 -1.35 1.59
CA ALA A 8 -0.88 -1.07 0.15
C ALA A 8 0.22 -0.08 -0.05
N TRP A 9 0.32 0.71 1.01
CA TRP A 9 1.28 1.79 1.17
C TRP A 9 2.62 1.21 1.57
N ALA A 10 2.53 -0.08 1.87
CA ALA A 10 3.63 -0.91 2.33
C ALA A 10 4.43 -1.50 1.16
N ARG A 11 4.47 -0.76 0.04
CA ARG A 11 5.19 -1.17 -1.16
C ARG A 11 6.11 -0.04 -1.65
N PRO A 12 7.47 -0.17 -1.44
CA PRO A 12 8.45 0.85 -1.88
C PRO A 12 8.36 1.25 -3.35
N ASP A 13 7.87 0.30 -4.14
CA ASP A 13 7.69 0.47 -5.59
C ASP A 13 6.38 1.21 -5.92
N TYR A 14 5.58 1.48 -4.88
CA TYR A 14 4.30 2.17 -5.03
C TYR A 14 4.45 3.65 -4.69
N ASN A 15 4.24 4.50 -5.70
CA ASN A 15 4.34 5.94 -5.54
C ASN A 15 3.01 6.63 -5.90
N PRO A 16 2.34 7.36 -4.95
CA PRO A 16 1.07 8.05 -5.21
C PRO A 16 1.19 9.18 -6.27
N PRO A 17 0.18 9.33 -7.18
CA PRO A 17 0.22 10.38 -8.22
C PRO A 17 -0.04 11.79 -7.68
N LEU A 18 0.22 12.80 -8.53
CA LEU A 18 0.04 14.23 -8.20
C LEU A 18 0.97 14.67 -7.06
N VAL A 19 1.79 15.69 -7.33
CA VAL A 19 2.73 16.22 -6.35
C VAL A 19 2.84 17.75 -6.45
N GLU A 20 2.50 18.43 -5.35
CA GLU A 20 2.55 19.90 -5.29
C GLU A 20 3.60 20.36 -4.28
N GLY A 1 1.88 -17.43 13.35
CA GLY A 1 3.13 -17.91 12.70
C GLY A 1 3.56 -17.03 11.54
N PHE A 2 2.63 -16.82 10.60
CA PHE A 2 2.89 -15.99 9.41
C PHE A 2 1.88 -14.83 9.32
N PRO A 3 2.20 -13.71 8.60
CA PRO A 3 1.29 -12.56 8.46
C PRO A 3 0.11 -12.85 7.53
N ARG A 4 -0.98 -12.09 7.70
CA ARG A 4 -2.17 -12.24 6.89
C ARG A 4 -2.58 -10.93 6.22
N ALA A 5 -2.50 -9.82 6.97
CA ALA A 5 -2.84 -8.50 6.48
C ALA A 5 -1.59 -7.69 6.16
N LEU A 6 -1.54 -7.14 4.93
CA LEU A 6 -0.40 -6.33 4.48
C LEU A 6 -0.91 -5.01 3.87
N PRO A 7 -0.34 -3.82 4.26
CA PRO A 7 -0.76 -2.51 3.71
C PRO A 7 -0.39 -2.34 2.23
N ALA A 8 -1.04 -1.35 1.59
CA ALA A 8 -0.88 -1.08 0.15
C ALA A 8 0.22 -0.08 -0.05
N TRP A 9 0.32 0.71 1.01
CA TRP A 9 1.27 1.79 1.16
C TRP A 9 2.62 1.21 1.58
N ALA A 10 2.53 -0.07 1.89
CA ALA A 10 3.62 -0.91 2.34
C ALA A 10 4.44 -1.49 1.17
N ARG A 11 4.51 -0.73 0.08
CA ARG A 11 5.24 -1.12 -1.12
C ARG A 11 6.19 0.01 -1.57
N PRO A 12 7.53 -0.14 -1.36
CA PRO A 12 8.55 0.86 -1.75
C PRO A 12 8.47 1.30 -3.21
N ASP A 13 7.97 0.40 -4.03
CA ASP A 13 7.80 0.63 -5.48
C ASP A 13 6.48 1.36 -5.79
N TYR A 14 5.68 1.60 -4.74
CA TYR A 14 4.39 2.29 -4.86
C TYR A 14 4.48 3.67 -4.22
N ASN A 15 4.18 4.70 -5.03
CA ASN A 15 4.21 6.08 -4.58
C ASN A 15 2.79 6.56 -4.21
N PRO A 16 2.62 7.40 -3.12
CA PRO A 16 1.28 7.89 -2.71
C PRO A 16 0.70 8.91 -3.72
N PRO A 17 -0.62 8.80 -4.11
CA PRO A 17 -1.25 9.73 -5.05
C PRO A 17 -1.65 11.06 -4.39
N LEU A 18 -0.92 12.12 -4.75
CA LEU A 18 -1.18 13.46 -4.21
C LEU A 18 -2.03 14.28 -5.18
N VAL A 19 -2.90 15.13 -4.62
CA VAL A 19 -3.78 15.98 -5.42
C VAL A 19 -3.89 17.38 -4.82
N GLU A 20 -3.78 18.39 -5.69
CA GLU A 20 -3.86 19.79 -5.27
C GLU A 20 -4.88 20.55 -6.11
N GLY A 1 -15.86 -2.35 6.12
CA GLY A 1 -15.00 -3.01 5.10
C GLY A 1 -14.56 -4.40 5.53
N PHE A 2 -13.33 -4.78 5.15
CA PHE A 2 -12.77 -6.08 5.48
C PHE A 2 -11.38 -5.93 6.13
N PRO A 3 -10.88 -6.94 6.92
CA PRO A 3 -9.55 -6.87 7.56
C PRO A 3 -8.41 -7.09 6.58
N ARG A 4 -7.27 -6.44 6.85
CA ARG A 4 -6.08 -6.54 6.00
C ARG A 4 -4.85 -6.87 6.83
N ALA A 5 -3.95 -7.67 6.24
CA ALA A 5 -2.71 -8.08 6.91
C ALA A 5 -1.51 -7.28 6.40
N LEU A 6 -1.45 -7.08 5.08
CA LEU A 6 -0.35 -6.34 4.45
C LEU A 6 -0.88 -5.02 3.85
N PRO A 7 -0.32 -3.82 4.25
CA PRO A 7 -0.76 -2.52 3.71
C PRO A 7 -0.39 -2.34 2.23
N ALA A 8 -1.04 -1.35 1.58
CA ALA A 8 -0.89 -1.07 0.15
C ALA A 8 0.22 -0.08 -0.05
N TRP A 9 0.31 0.71 1.01
CA TRP A 9 1.27 1.79 1.18
C TRP A 9 2.61 1.20 1.58
N ALA A 10 2.52 -0.08 1.89
CA ALA A 10 3.61 -0.91 2.34
C ALA A 10 4.42 -1.52 1.17
N ARG A 11 4.38 -0.82 0.03
CA ARG A 11 5.08 -1.25 -1.17
C ARG A 11 5.92 -0.08 -1.73
N PRO A 12 7.29 -0.12 -1.58
CA PRO A 12 8.20 0.94 -2.09
C PRO A 12 7.99 1.33 -3.55
N ASP A 13 7.44 0.40 -4.29
CA ASP A 13 7.16 0.57 -5.72
C ASP A 13 5.76 1.18 -5.96
N TYR A 14 5.27 1.93 -4.97
CA TYR A 14 3.96 2.57 -5.04
C TYR A 14 4.09 4.04 -5.47
N ASN A 15 3.55 4.34 -6.65
CA ASN A 15 3.58 5.70 -7.21
C ASN A 15 2.21 6.36 -7.13
N PRO A 16 2.14 7.71 -6.90
CA PRO A 16 0.86 8.44 -6.81
C PRO A 16 0.16 8.62 -8.19
N PRO A 17 -1.18 8.36 -8.29
CA PRO A 17 -1.92 8.52 -9.57
C PRO A 17 -2.10 9.99 -9.96
N LEU A 18 -1.40 10.40 -11.01
CA LEU A 18 -1.46 11.77 -11.52
C LEU A 18 -2.08 11.80 -12.91
N VAL A 19 -2.97 12.78 -13.12
CA VAL A 19 -3.66 12.95 -14.41
C VAL A 19 -3.71 14.42 -14.83
N GLU A 20 -3.18 14.71 -16.02
CA GLU A 20 -3.16 16.07 -16.55
C GLU A 20 -3.74 16.10 -17.96
N GLY A 1 -9.66 -4.48 16.12
CA GLY A 1 -10.96 -4.22 15.44
C GLY A 1 -11.03 -4.86 14.06
N PHE A 2 -10.41 -4.19 13.08
CA PHE A 2 -10.39 -4.67 11.70
C PHE A 2 -9.06 -5.39 11.39
N PRO A 3 -9.07 -6.75 11.17
CA PRO A 3 -7.84 -7.51 10.87
C PRO A 3 -7.22 -7.13 9.51
N ARG A 4 -5.90 -6.98 9.50
CA ARG A 4 -5.15 -6.63 8.28
C ARG A 4 -3.97 -7.56 8.09
N ALA A 5 -3.68 -7.88 6.81
CA ALA A 5 -2.57 -8.77 6.47
C ALA A 5 -1.34 -7.98 6.03
N LEU A 6 -1.50 -7.16 4.97
CA LEU A 6 -0.39 -6.35 4.44
C LEU A 6 -0.92 -5.02 3.86
N PRO A 7 -0.34 -3.84 4.24
CA PRO A 7 -0.78 -2.53 3.71
C PRO A 7 -0.41 -2.34 2.23
N ALA A 8 -1.05 -1.35 1.59
CA ALA A 8 -0.88 -1.07 0.15
C ALA A 8 0.22 -0.08 -0.05
N TRP A 9 0.32 0.71 1.00
CA TRP A 9 1.27 1.78 1.16
C TRP A 9 2.63 1.20 1.57
N ALA A 10 2.53 -0.08 1.88
CA ALA A 10 3.62 -0.92 2.35
C ALA A 10 4.43 -1.52 1.19
N ARG A 11 4.59 -0.71 0.12
CA ARG A 11 5.32 -1.13 -1.07
C ARG A 11 6.39 -0.07 -1.44
N PRO A 12 7.71 -0.33 -1.17
CA PRO A 12 8.82 0.60 -1.51
C PRO A 12 8.85 1.05 -2.97
N ASP A 13 8.35 0.17 -3.81
CA ASP A 13 8.28 0.41 -5.27
C ASP A 13 7.03 1.21 -5.65
N TYR A 14 6.19 1.51 -4.65
CA TYR A 14 4.96 2.27 -4.84
C TYR A 14 5.13 3.70 -4.34
N ASN A 15 4.96 4.65 -5.25
CA ASN A 15 5.09 6.08 -4.92
C ASN A 15 3.72 6.71 -4.63
N PRO A 16 3.64 7.80 -3.81
CA PRO A 16 2.37 8.47 -3.48
C PRO A 16 1.78 9.25 -4.67
N PRO A 17 0.43 9.54 -4.68
CA PRO A 17 -0.21 10.29 -5.77
C PRO A 17 0.16 11.77 -5.76
N LEU A 18 0.96 12.17 -6.76
CA LEU A 18 1.40 13.56 -6.90
C LEU A 18 0.55 14.31 -7.92
N VAL A 19 0.01 15.45 -7.50
CA VAL A 19 -0.83 16.29 -8.37
C VAL A 19 -0.56 17.78 -8.15
N GLU A 20 -0.44 18.52 -9.25
CA GLU A 20 -0.18 19.96 -9.20
C GLU A 20 -1.18 20.73 -10.05
N GLY A 1 -5.60 -20.76 12.12
CA GLY A 1 -5.67 -20.37 10.68
C GLY A 1 -5.66 -18.88 10.48
N PHE A 2 -6.68 -18.37 9.76
CA PHE A 2 -6.84 -16.91 9.46
C PHE A 2 -5.62 -16.35 8.69
N PRO A 3 -5.75 -16.06 7.35
CA PRO A 3 -4.65 -15.51 6.54
C PRO A 3 -4.19 -14.12 7.01
N ARG A 4 -2.95 -13.76 6.65
CA ARG A 4 -2.37 -12.47 7.03
C ARG A 4 -2.48 -11.47 5.88
N ALA A 5 -2.66 -10.20 6.23
CA ALA A 5 -2.77 -9.12 5.25
C ALA A 5 -1.73 -8.04 5.49
N LEU A 6 -1.29 -7.39 4.40
CA LEU A 6 -0.29 -6.33 4.46
C LEU A 6 -0.83 -5.03 3.86
N PRO A 7 -0.30 -3.82 4.25
CA PRO A 7 -0.75 -2.53 3.70
C PRO A 7 -0.38 -2.33 2.22
N ALA A 8 -1.04 -1.35 1.60
CA ALA A 8 -0.89 -1.07 0.15
C ALA A 8 0.22 -0.08 -0.05
N TRP A 9 0.31 0.71 1.01
CA TRP A 9 1.28 1.79 1.17
C TRP A 9 2.62 1.21 1.57
N ALA A 10 2.53 -0.08 1.88
CA ALA A 10 3.61 -0.92 2.32
C ALA A 10 4.40 -1.52 1.14
N ARG A 11 4.42 -0.78 0.03
CA ARG A 11 5.11 -1.20 -1.19
C ARG A 11 6.04 -0.07 -1.70
N PRO A 12 7.39 -0.21 -1.51
CA PRO A 12 8.39 0.80 -1.97
C PRO A 12 8.21 1.30 -3.39
N ASP A 13 7.55 0.48 -4.19
CA ASP A 13 7.25 0.78 -5.60
C ASP A 13 5.99 1.66 -5.77
N TYR A 14 5.56 2.29 -4.66
CA TYR A 14 4.38 3.16 -4.66
C TYR A 14 4.78 4.61 -4.93
N ASN A 15 4.36 5.13 -6.08
CA ASN A 15 4.65 6.51 -6.48
C ASN A 15 3.44 7.41 -6.27
N PRO A 16 3.63 8.71 -5.85
CA PRO A 16 2.50 9.64 -5.63
C PRO A 16 1.95 10.21 -6.94
N PRO A 17 0.70 10.79 -6.94
CA PRO A 17 0.08 11.38 -8.15
C PRO A 17 0.81 12.63 -8.63
N LEU A 18 1.45 12.51 -9.80
CA LEU A 18 2.20 13.62 -10.41
C LEU A 18 1.34 14.37 -11.43
N VAL A 19 1.50 15.70 -11.45
CA VAL A 19 0.75 16.55 -12.38
C VAL A 19 1.63 17.67 -12.94
N GLU A 20 1.52 17.90 -14.25
CA GLU A 20 2.31 18.94 -14.93
C GLU A 20 1.47 20.21 -15.14
N GLY A 1 -4.90 -16.78 -2.11
CA GLY A 1 -5.19 -16.18 -0.78
C GLY A 1 -4.08 -16.39 0.21
N PHE A 2 -3.69 -15.31 0.91
CA PHE A 2 -2.62 -15.37 1.91
C PHE A 2 -3.21 -15.45 3.33
N PRO A 3 -2.43 -15.96 4.35
CA PRO A 3 -2.91 -16.08 5.74
C PRO A 3 -2.98 -14.73 6.46
N ARG A 4 -2.03 -13.84 6.15
CA ARG A 4 -1.97 -12.50 6.77
C ARG A 4 -2.06 -11.42 5.71
N ALA A 5 -2.66 -10.29 6.08
CA ALA A 5 -2.82 -9.15 5.18
C ALA A 5 -1.75 -8.08 5.43
N LEU A 6 -1.36 -7.38 4.36
CA LEU A 6 -0.35 -6.33 4.45
C LEU A 6 -0.87 -5.02 3.84
N PRO A 7 -0.32 -3.82 4.25
CA PRO A 7 -0.76 -2.52 3.71
C PRO A 7 -0.40 -2.34 2.22
N ALA A 8 -1.04 -1.35 1.58
CA ALA A 8 -0.89 -1.07 0.15
C ALA A 8 0.22 -0.08 -0.05
N TRP A 9 0.31 0.71 1.01
CA TRP A 9 1.27 1.78 1.17
C TRP A 9 2.62 1.20 1.58
N ALA A 10 2.53 -0.08 1.88
CA ALA A 10 3.61 -0.92 2.34
C ALA A 10 4.40 -1.52 1.17
N ARG A 11 4.40 -0.83 0.03
CA ARG A 11 5.09 -1.26 -1.17
C ARG A 11 5.97 -0.12 -1.72
N PRO A 12 7.33 -0.19 -1.55
CA PRO A 12 8.28 0.84 -2.05
C PRO A 12 8.13 1.17 -3.53
N ASP A 13 7.66 0.19 -4.27
CA ASP A 13 7.44 0.29 -5.72
C ASP A 13 6.09 0.96 -6.05
N TYR A 14 5.33 1.29 -4.99
CA TYR A 14 4.02 1.92 -5.13
C TYR A 14 4.13 3.43 -4.88
N ASN A 15 3.83 4.21 -5.93
CA ASN A 15 3.88 5.67 -5.85
C ASN A 15 2.54 6.29 -6.26
N PRO A 16 2.21 7.53 -5.78
CA PRO A 16 0.93 8.20 -6.13
C PRO A 16 0.87 8.63 -7.61
N PRO A 17 -0.36 8.84 -8.19
CA PRO A 17 -0.51 9.26 -9.59
C PRO A 17 -0.12 10.72 -9.83
N LEU A 18 1.03 10.91 -10.49
CA LEU A 18 1.59 12.24 -10.82
C LEU A 18 1.93 13.05 -9.56
N VAL A 19 3.18 13.53 -9.51
CA VAL A 19 3.66 14.32 -8.37
C VAL A 19 4.50 15.52 -8.83
N GLU A 20 4.05 16.72 -8.48
CA GLU A 20 4.76 17.95 -8.86
C GLU A 20 4.98 18.84 -7.64
N GLY A 1 -10.52 -13.49 8.64
CA GLY A 1 -9.46 -14.15 7.82
C GLY A 1 -8.18 -14.38 8.59
N PHE A 2 -7.29 -13.40 8.56
CA PHE A 2 -6.00 -13.49 9.25
C PHE A 2 -5.80 -12.26 10.16
N PRO A 3 -5.17 -12.42 11.38
CA PRO A 3 -4.93 -11.28 12.31
C PRO A 3 -4.01 -10.21 11.74
N ARG A 4 -3.01 -10.64 10.95
CA ARG A 4 -2.05 -9.72 10.34
C ARG A 4 -2.42 -9.43 8.89
N ALA A 5 -2.33 -8.15 8.50
CA ALA A 5 -2.66 -7.72 7.14
C ALA A 5 -1.50 -6.94 6.52
N LEU A 6 -1.39 -7.02 5.19
CA LEU A 6 -0.34 -6.33 4.45
C LEU A 6 -0.86 -5.02 3.85
N PRO A 7 -0.31 -3.83 4.25
CA PRO A 7 -0.76 -2.52 3.71
C PRO A 7 -0.39 -2.34 2.23
N ALA A 8 -1.04 -1.35 1.59
CA ALA A 8 -0.89 -1.07 0.15
C ALA A 8 0.22 -0.08 -0.05
N TRP A 9 0.31 0.71 1.01
CA TRP A 9 1.27 1.78 1.17
C TRP A 9 2.61 1.20 1.58
N ALA A 10 2.52 -0.08 1.89
CA ALA A 10 3.60 -0.91 2.35
C ALA A 10 4.42 -1.52 1.18
N ARG A 11 4.24 -0.93 -0.01
CA ARG A 11 4.93 -1.38 -1.21
C ARG A 11 5.62 -0.20 -1.92
N PRO A 12 6.98 -0.03 -1.78
CA PRO A 12 7.75 1.06 -2.42
C PRO A 12 7.53 1.18 -3.93
N ASP A 13 7.22 0.05 -4.52
CA ASP A 13 6.95 -0.05 -5.96
C ASP A 13 5.46 0.09 -6.27
N TYR A 14 4.62 -0.38 -5.31
CA TYR A 14 3.14 -0.33 -5.42
C TYR A 14 2.62 -1.12 -6.64
N ASN A 15 1.88 -2.20 -6.35
CA ASN A 15 1.31 -3.06 -7.40
C ASN A 15 -0.17 -3.36 -7.09
N PRO A 16 -1.14 -2.84 -7.89
CA PRO A 16 -2.59 -3.09 -7.67
C PRO A 16 -2.97 -4.57 -7.85
N PRO A 17 -3.78 -5.18 -6.91
CA PRO A 17 -4.19 -6.59 -7.02
C PRO A 17 -5.18 -6.83 -8.18
N LEU A 18 -4.70 -7.52 -9.21
CA LEU A 18 -5.51 -7.83 -10.39
C LEU A 18 -5.93 -9.30 -10.39
N VAL A 19 -7.24 -9.54 -10.49
CA VAL A 19 -7.78 -10.90 -10.50
C VAL A 19 -8.93 -11.02 -11.51
N GLU A 20 -8.76 -11.92 -12.49
CA GLU A 20 -9.77 -12.15 -13.52
C GLU A 20 -10.55 -13.44 -13.24
N GLY A 1 -9.28 -19.13 8.21
CA GLY A 1 -8.25 -18.07 8.03
C GLY A 1 -7.92 -17.83 6.57
N PHE A 2 -8.36 -16.67 6.06
CA PHE A 2 -8.12 -16.29 4.67
C PHE A 2 -7.48 -14.89 4.54
N PRO A 3 -7.95 -13.84 5.30
CA PRO A 3 -7.37 -12.48 5.21
C PRO A 3 -6.04 -12.34 5.95
N ARG A 4 -5.15 -11.51 5.40
CA ARG A 4 -3.83 -11.28 5.99
C ARG A 4 -3.58 -9.78 6.17
N ALA A 5 -2.66 -9.43 7.07
CA ALA A 5 -2.33 -8.03 7.36
C ALA A 5 -1.15 -7.55 6.52
N LEU A 6 -1.47 -6.89 5.39
CA LEU A 6 -0.48 -6.34 4.47
C LEU A 6 -0.97 -5.01 3.87
N PRO A 7 -0.37 -3.83 4.25
CA PRO A 7 -0.78 -2.52 3.71
C PRO A 7 -0.42 -2.34 2.22
N ALA A 8 -1.05 -1.34 1.59
CA ALA A 8 -0.88 -1.07 0.15
C ALA A 8 0.22 -0.08 -0.05
N TRP A 9 0.32 0.71 1.00
CA TRP A 9 1.28 1.79 1.17
C TRP A 9 2.62 1.20 1.58
N ALA A 10 2.53 -0.08 1.88
CA ALA A 10 3.62 -0.92 2.35
C ALA A 10 4.42 -1.51 1.18
N ARG A 11 4.15 -1.00 -0.03
CA ARG A 11 4.81 -1.46 -1.24
C ARG A 11 5.36 -0.24 -2.03
N PRO A 12 6.70 -0.01 -2.03
CA PRO A 12 7.34 1.12 -2.75
C PRO A 12 6.95 1.26 -4.23
N ASP A 13 6.56 0.13 -4.80
CA ASP A 13 6.12 0.04 -6.20
C ASP A 13 4.66 0.47 -6.38
N TYR A 14 4.02 0.89 -5.28
CA TYR A 14 2.63 1.34 -5.30
C TYR A 14 2.56 2.87 -5.32
N ASN A 15 1.98 3.40 -6.40
CA ASN A 15 1.82 4.85 -6.57
C ASN A 15 0.35 5.26 -6.46
N PRO A 16 0.06 6.51 -5.98
CA PRO A 16 -1.33 7.00 -5.83
C PRO A 16 -2.07 7.19 -7.18
N PRO A 17 -3.43 7.08 -7.21
CA PRO A 17 -4.21 7.24 -8.45
C PRO A 17 -4.27 8.69 -8.94
N LEU A 18 -4.75 8.86 -10.17
CA LEU A 18 -4.88 10.18 -10.80
C LEU A 18 -6.27 10.38 -11.35
N VAL A 19 -6.73 11.65 -11.35
CA VAL A 19 -8.05 12.00 -11.86
C VAL A 19 -7.96 12.79 -13.17
N GLU A 20 -8.51 12.21 -14.24
CA GLU A 20 -8.49 12.84 -15.56
C GLU A 20 -9.93 13.12 -16.04
N GLY A 1 -2.85 -23.03 8.62
CA GLY A 1 -2.77 -21.82 7.74
C GLY A 1 -3.70 -20.71 8.20
N PHE A 2 -3.11 -19.64 8.73
CA PHE A 2 -3.88 -18.49 9.21
C PHE A 2 -3.89 -17.36 8.17
N PRO A 3 -4.88 -16.40 8.20
CA PRO A 3 -4.96 -15.29 7.24
C PRO A 3 -3.91 -14.21 7.51
N ARG A 4 -3.33 -13.67 6.44
CA ARG A 4 -2.31 -12.63 6.53
C ARG A 4 -2.68 -11.43 5.65
N ALA A 5 -2.63 -10.23 6.24
CA ALA A 5 -2.95 -9.00 5.53
C ALA A 5 -1.83 -7.98 5.67
N LEU A 6 -1.48 -7.33 4.55
CA LEU A 6 -0.42 -6.33 4.51
C LEU A 6 -0.94 -5.01 3.90
N PRO A 7 -0.34 -3.82 4.26
CA PRO A 7 -0.76 -2.53 3.71
C PRO A 7 -0.40 -2.34 2.23
N ALA A 8 -1.04 -1.35 1.60
CA ALA A 8 -0.88 -1.08 0.15
C ALA A 8 0.22 -0.08 -0.05
N TRP A 9 0.33 0.71 1.00
CA TRP A 9 1.28 1.79 1.17
C TRP A 9 2.62 1.21 1.57
N ALA A 10 2.54 -0.07 1.88
CA ALA A 10 3.63 -0.90 2.33
C ALA A 10 4.45 -1.49 1.16
N ARG A 11 4.39 -0.82 0.01
CA ARG A 11 5.09 -1.23 -1.19
C ARG A 11 5.91 -0.06 -1.77
N PRO A 12 7.27 -0.07 -1.64
CA PRO A 12 8.16 1.00 -2.16
C PRO A 12 7.96 1.32 -3.64
N ASP A 13 7.50 0.31 -4.36
CA ASP A 13 7.23 0.42 -5.81
C ASP A 13 5.83 1.00 -6.08
N TYR A 14 5.13 1.38 -5.01
CA TYR A 14 3.79 1.95 -5.09
C TYR A 14 3.83 3.44 -4.76
N ASN A 15 3.36 4.26 -5.70
CA ASN A 15 3.33 5.72 -5.53
C ASN A 15 1.96 6.18 -4.97
N PRO A 16 1.90 6.69 -3.69
CA PRO A 16 0.64 7.17 -3.08
C PRO A 16 0.06 8.41 -3.78
N PRO A 17 -1.30 8.56 -3.84
CA PRO A 17 -1.95 9.71 -4.50
C PRO A 17 -1.81 11.01 -3.70
N LEU A 18 -2.18 12.12 -4.34
CA LEU A 18 -2.10 13.45 -3.73
C LEU A 18 -3.48 13.91 -3.26
N VAL A 19 -3.50 14.74 -2.21
CA VAL A 19 -4.75 15.26 -1.65
C VAL A 19 -4.66 16.80 -1.45
N GLU A 20 -5.68 17.51 -1.93
CA GLU A 20 -5.74 18.96 -1.82
C GLU A 20 -6.69 19.38 -0.68
N GLY A 1 -13.89 -1.30 9.37
CA GLY A 1 -13.89 -1.91 8.01
C GLY A 1 -13.55 -3.39 8.05
N PHE A 2 -12.78 -3.83 7.05
CA PHE A 2 -12.36 -5.23 6.96
C PHE A 2 -10.92 -5.42 7.46
N PRO A 3 -10.49 -6.66 7.87
CA PRO A 3 -9.13 -6.92 8.37
C PRO A 3 -8.08 -6.92 7.25
N ARG A 4 -6.89 -6.40 7.56
CA ARG A 4 -5.80 -6.33 6.60
C ARG A 4 -4.51 -6.92 7.19
N ALA A 5 -3.80 -7.71 6.37
CA ALA A 5 -2.56 -8.35 6.80
C ALA A 5 -1.33 -7.56 6.30
N LEU A 6 -1.41 -7.10 5.04
CA LEU A 6 -0.31 -6.34 4.43
C LEU A 6 -0.84 -5.02 3.83
N PRO A 7 -0.30 -3.83 4.24
CA PRO A 7 -0.75 -2.53 3.70
C PRO A 7 -0.39 -2.34 2.22
N ALA A 8 -1.04 -1.35 1.59
CA ALA A 8 -0.88 -1.07 0.15
C ALA A 8 0.22 -0.08 -0.05
N TRP A 9 0.31 0.71 1.01
CA TRP A 9 1.26 1.78 1.17
C TRP A 9 2.61 1.19 1.57
N ALA A 10 2.52 -0.08 1.89
CA ALA A 10 3.61 -0.92 2.34
C ALA A 10 4.41 -1.51 1.17
N ARG A 11 4.02 -1.12 -0.03
CA ARG A 11 4.66 -1.57 -1.27
C ARG A 11 5.02 -0.36 -2.16
N PRO A 12 6.32 0.07 -2.20
CA PRO A 12 6.78 1.23 -3.02
C PRO A 12 6.29 1.24 -4.47
N ASP A 13 6.00 0.06 -4.96
CA ASP A 13 5.51 -0.15 -6.32
C ASP A 13 3.97 -0.03 -6.41
N TYR A 14 3.40 0.85 -5.55
CA TYR A 14 1.96 1.07 -5.49
C TYR A 14 1.53 2.16 -6.48
N ASN A 15 0.60 1.80 -7.35
CA ASN A 15 0.05 2.72 -8.36
C ASN A 15 -1.09 3.59 -7.78
N PRO A 16 -1.37 4.80 -8.35
CA PRO A 16 -2.44 5.69 -7.84
C PRO A 16 -3.85 5.07 -7.99
N PRO A 17 -4.73 5.14 -6.94
CA PRO A 17 -6.09 4.57 -7.00
C PRO A 17 -7.06 5.46 -7.80
N LEU A 18 -7.45 4.97 -8.98
CA LEU A 18 -8.38 5.67 -9.85
C LEU A 18 -9.49 4.74 -10.33
N VAL A 19 -10.73 5.21 -10.19
CA VAL A 19 -11.92 4.43 -10.60
C VAL A 19 -12.88 5.28 -11.44
N GLU A 20 -13.20 4.80 -12.63
CA GLU A 20 -14.12 5.50 -13.54
C GLU A 20 -15.24 4.58 -14.01
N GLY A 1 -11.16 -15.45 7.41
CA GLY A 1 -10.54 -14.15 7.76
C GLY A 1 -10.81 -13.08 6.71
N PHE A 2 -9.89 -12.12 6.62
CA PHE A 2 -10.01 -11.02 5.65
C PHE A 2 -9.13 -11.28 4.41
N PRO A 3 -9.43 -10.64 3.23
CA PRO A 3 -8.64 -10.83 1.99
C PRO A 3 -7.28 -10.14 2.04
N ARG A 4 -7.21 -9.01 2.73
CA ARG A 4 -5.97 -8.23 2.87
C ARG A 4 -5.25 -8.56 4.17
N ALA A 5 -3.92 -8.61 4.09
CA ALA A 5 -3.07 -8.91 5.25
C ALA A 5 -2.02 -7.82 5.48
N LEU A 6 -1.38 -7.38 4.39
CA LEU A 6 -0.36 -6.33 4.46
C LEU A 6 -0.89 -5.02 3.85
N PRO A 7 -0.33 -3.83 4.25
CA PRO A 7 -0.76 -2.52 3.71
C PRO A 7 -0.40 -2.34 2.22
N ALA A 8 -1.04 -1.35 1.59
CA ALA A 8 -0.88 -1.07 0.15
C ALA A 8 0.22 -0.08 -0.05
N TRP A 9 0.32 0.71 1.00
CA TRP A 9 1.28 1.79 1.17
C TRP A 9 2.61 1.20 1.58
N ALA A 10 2.53 -0.08 1.88
CA ALA A 10 3.61 -0.91 2.34
C ALA A 10 4.42 -1.51 1.17
N ARG A 11 4.44 -0.78 0.05
CA ARG A 11 5.15 -1.20 -1.15
C ARG A 11 6.06 -0.07 -1.65
N PRO A 12 7.41 -0.17 -1.47
CA PRO A 12 8.40 0.85 -1.92
C PRO A 12 8.28 1.22 -3.40
N ASP A 13 7.79 0.28 -4.17
CA ASP A 13 7.59 0.43 -5.62
C ASP A 13 6.25 1.08 -5.95
N TYR A 14 5.42 1.30 -4.90
CA TYR A 14 4.11 1.91 -5.05
C TYR A 14 4.17 3.39 -4.65
N ASN A 15 3.89 4.25 -5.62
CA ASN A 15 3.89 5.71 -5.41
C ASN A 15 2.45 6.26 -5.46
N PRO A 16 1.87 6.69 -4.29
CA PRO A 16 0.50 7.25 -4.25
C PRO A 16 0.36 8.58 -5.00
N PRO A 17 -0.71 8.77 -5.86
CA PRO A 17 -0.91 10.02 -6.62
C PRO A 17 -1.28 11.20 -5.72
N LEU A 18 -0.34 12.15 -5.63
CA LEU A 18 -0.52 13.36 -4.82
C LEU A 18 -0.94 14.54 -5.69
N VAL A 19 -2.03 15.20 -5.28
CA VAL A 19 -2.56 16.37 -6.01
C VAL A 19 -3.06 17.44 -5.05
N GLU A 20 -2.71 18.70 -5.35
CA GLU A 20 -3.11 19.84 -4.53
C GLU A 20 -4.32 20.56 -5.14
N GLY A 1 2.17 -13.77 2.25
CA GLY A 1 1.41 -12.56 2.66
C GLY A 1 0.16 -12.36 1.84
N PHE A 2 -0.91 -11.90 2.50
CA PHE A 2 -2.20 -11.66 1.84
C PHE A 2 -2.38 -10.16 1.53
N PRO A 3 -3.25 -9.78 0.54
CA PRO A 3 -3.49 -8.36 0.18
C PRO A 3 -4.31 -7.61 1.23
N ARG A 4 -5.11 -8.35 2.01
CA ARG A 4 -5.95 -7.76 3.05
C ARG A 4 -5.25 -7.73 4.41
N ALA A 5 -4.12 -8.46 4.53
CA ALA A 5 -3.35 -8.52 5.77
C ALA A 5 -2.23 -7.47 5.79
N LEU A 6 -1.56 -7.29 4.65
CA LEU A 6 -0.47 -6.32 4.54
C LEU A 6 -0.98 -5.01 3.92
N PRO A 7 -0.35 -3.82 4.26
CA PRO A 7 -0.77 -2.51 3.72
C PRO A 7 -0.41 -2.34 2.23
N ALA A 8 -1.04 -1.35 1.60
CA ALA A 8 -0.88 -1.07 0.16
C ALA A 8 0.22 -0.08 -0.04
N TRP A 9 0.32 0.71 1.01
CA TRP A 9 1.28 1.79 1.17
C TRP A 9 2.62 1.21 1.57
N ALA A 10 2.54 -0.07 1.88
CA ALA A 10 3.63 -0.91 2.32
C ALA A 10 4.44 -1.49 1.15
N ARG A 11 4.46 -0.75 0.04
CA ARG A 11 5.17 -1.16 -1.17
C ARG A 11 6.07 0.00 -1.67
N PRO A 12 7.42 -0.11 -1.50
CA PRO A 12 8.39 0.92 -1.96
C PRO A 12 8.23 1.37 -3.41
N ASP A 13 7.69 0.47 -4.20
CA ASP A 13 7.44 0.71 -5.64
C ASP A 13 6.16 1.53 -5.86
N TYR A 14 5.45 1.84 -4.78
CA TYR A 14 4.23 2.62 -4.82
C TYR A 14 4.37 3.88 -3.96
N ASN A 15 4.07 5.03 -4.55
CA ASN A 15 4.17 6.32 -3.85
C ASN A 15 2.82 6.71 -3.22
N PRO A 16 2.81 7.49 -2.09
CA PRO A 16 1.56 7.91 -1.43
C PRO A 16 0.84 9.04 -2.19
N PRO A 17 -0.49 9.28 -1.93
CA PRO A 17 -1.26 10.34 -2.59
C PRO A 17 -0.83 11.75 -2.14
N LEU A 18 -0.18 12.47 -3.07
CA LEU A 18 0.33 13.85 -2.84
C LEU A 18 1.40 13.91 -1.74
N VAL A 19 2.34 14.85 -1.90
CA VAL A 19 3.43 15.03 -0.94
C VAL A 19 3.64 16.51 -0.60
N GLU A 20 3.53 16.83 0.68
CA GLU A 20 3.71 18.20 1.17
C GLU A 20 4.72 18.26 2.31
N GLY A 1 -3.24 -11.01 17.41
CA GLY A 1 -2.14 -12.01 17.31
C GLY A 1 -1.14 -11.67 16.23
N PHE A 2 -1.21 -12.43 15.12
CA PHE A 2 -0.30 -12.22 13.98
C PHE A 2 -1.02 -11.47 12.85
N PRO A 3 -0.26 -10.80 11.91
CA PRO A 3 -0.87 -10.06 10.78
C PRO A 3 -1.40 -10.98 9.69
N ARG A 4 -2.61 -10.68 9.19
CA ARG A 4 -3.24 -11.47 8.14
C ARG A 4 -3.11 -10.78 6.77
N ALA A 5 -3.34 -9.46 6.76
CA ALA A 5 -3.24 -8.67 5.53
C ALA A 5 -2.18 -7.59 5.66
N LEU A 6 -1.47 -7.33 4.55
CA LEU A 6 -0.41 -6.32 4.52
C LEU A 6 -0.93 -5.00 3.90
N PRO A 7 -0.34 -3.82 4.26
CA PRO A 7 -0.76 -2.52 3.72
C PRO A 7 -0.39 -2.34 2.23
N ALA A 8 -1.04 -1.35 1.59
CA ALA A 8 -0.88 -1.08 0.15
C ALA A 8 0.22 -0.08 -0.04
N TRP A 9 0.32 0.71 1.01
CA TRP A 9 1.27 1.79 1.16
C TRP A 9 2.62 1.21 1.57
N ALA A 10 2.53 -0.07 1.89
CA ALA A 10 3.63 -0.90 2.34
C ALA A 10 4.44 -1.48 1.17
N ARG A 11 4.60 -0.66 0.11
CA ARG A 11 5.34 -1.04 -1.07
C ARG A 11 6.37 0.04 -1.43
N PRO A 12 7.70 -0.20 -1.19
CA PRO A 12 8.79 0.76 -1.50
C PRO A 12 8.77 1.34 -2.91
N ASP A 13 8.20 0.57 -3.81
CA ASP A 13 8.06 0.94 -5.23
C ASP A 13 6.86 1.88 -5.47
N TYR A 14 5.98 1.96 -4.48
CA TYR A 14 4.79 2.82 -4.55
C TYR A 14 4.82 3.87 -3.43
N ASN A 15 4.72 5.14 -3.82
CA ASN A 15 4.73 6.25 -2.86
C ASN A 15 3.30 6.73 -2.57
N PRO A 16 3.00 7.21 -1.32
CA PRO A 16 1.64 7.70 -0.96
C PRO A 16 1.35 9.11 -1.53
N PRO A 17 0.05 9.50 -1.67
CA PRO A 17 -0.32 10.83 -2.18
C PRO A 17 -0.10 11.95 -1.15
N LEU A 18 0.86 12.82 -1.45
CA LEU A 18 1.20 13.94 -0.58
C LEU A 18 0.42 15.19 -0.97
N VAL A 19 -0.22 15.81 0.03
CA VAL A 19 -1.02 17.03 -0.19
C VAL A 19 -0.83 18.03 0.95
N GLU A 20 -0.62 19.30 0.59
CA GLU A 20 -0.42 20.36 1.58
C GLU A 20 -1.70 21.18 1.77
#